data_5DWD
#
_entry.id   5DWD
#
_cell.length_a   41.772
_cell.length_b   73.398
_cell.length_c   66.403
_cell.angle_alpha   90.00
_cell.angle_beta   102.37
_cell.angle_gamma   90.00
#
_symmetry.space_group_name_H-M   'P 1 21 1'
#
loop_
_entity.id
_entity.type
_entity.pdbx_description
1 polymer Esterase
2 non-polymer 2-(2-{2-[2-(2-METHOXY-ETHOXY)-ETHOXY]-ETHOXY}-ETHOXY)-ETHANOL
3 non-polymer GLYCEROL
4 water water
#
_entity_poly.entity_id   1
_entity_poly.type   'polypeptide(L)'
_entity_poly.pdbx_seq_one_letter_code
;MGSSHHHHHHHSSGLVPRGSHMTEPVKLSGPMLPAVSGAAKSLVVLLHGYGSDGRDLIALGQFWRDSFPDTMFVAPNAPH
VCGGNPFGYEWFPLDLERDRTLARLAGAETAHPVLDAFLADLWAQTGLGPADTILVGFSQGAMMALYTGLRLPEPLKAII
AFSGLIVAPEKLEAEIASKPPVLLIHGDLDDVVPVIGSETALPKLIDLGIDARLHISQGSGHTIAQDGLDTATAFLREIL
;
_entity_poly.pdbx_strand_id   A,B
#
# COMPACT_ATOMS: atom_id res chain seq x y z
N VAL A 26 24.10 -4.73 -16.89
CA VAL A 26 24.60 -3.37 -17.35
C VAL A 26 23.87 -2.20 -16.68
N LYS A 27 24.63 -1.20 -16.22
CA LYS A 27 24.08 0.02 -15.60
C LYS A 27 23.29 0.91 -16.58
N LEU A 28 22.06 1.30 -16.26
CA LEU A 28 21.36 2.25 -17.09
C LEU A 28 21.62 3.62 -16.61
N SER A 29 21.56 4.58 -17.48
CA SER A 29 21.52 5.92 -17.04
C SER A 29 20.67 6.74 -17.97
N GLY A 30 20.40 7.94 -17.55
CA GLY A 30 19.58 8.86 -18.34
C GLY A 30 19.29 10.11 -17.58
N PRO A 31 18.56 11.05 -18.17
CA PRO A 31 18.28 12.29 -17.45
C PRO A 31 17.47 12.16 -16.20
N MET A 32 17.75 13.07 -15.28
CA MET A 32 17.04 13.09 -14.08
C MET A 32 16.79 14.55 -13.68
N LEU A 33 15.73 14.71 -12.90
CA LEU A 33 15.32 16.00 -12.33
C LEU A 33 15.24 15.81 -10.81
N PRO A 34 16.09 16.53 -10.06
CA PRO A 34 15.99 16.37 -8.61
C PRO A 34 14.71 17.00 -8.05
N ALA A 35 14.32 16.60 -6.83
CA ALA A 35 13.13 17.14 -6.24
C ALA A 35 13.30 18.69 -6.11
N VAL A 36 12.22 19.40 -6.34
CA VAL A 36 12.23 20.89 -6.30
C VAL A 36 12.73 21.33 -4.91
N SER A 37 12.35 20.55 -3.91
CA SER A 37 12.67 20.81 -2.50
C SER A 37 13.99 20.31 -1.98
N GLY A 38 14.81 19.75 -2.85
CA GLY A 38 16.16 19.42 -2.49
C GLY A 38 16.36 18.12 -1.77
N ALA A 39 15.31 17.43 -1.36
CA ALA A 39 15.45 16.18 -0.62
C ALA A 39 14.30 15.31 -1.08
N ALA A 40 14.52 14.38 -2.03
CA ALA A 40 13.33 13.59 -2.50
C ALA A 40 12.76 12.70 -1.44
N LYS A 41 11.43 12.74 -1.31
CA LYS A 41 10.67 11.84 -0.51
C LYS A 41 9.96 10.76 -1.35
N SER A 42 9.90 10.99 -2.66
CA SER A 42 9.24 10.02 -3.58
C SER A 42 10.03 10.04 -4.89
N LEU A 43 9.78 9.04 -5.74
CA LEU A 43 10.52 8.84 -6.98
C LEU A 43 9.52 8.42 -8.08
N VAL A 44 9.67 9.03 -9.24
CA VAL A 44 8.91 8.63 -10.42
C VAL A 44 9.98 8.22 -11.45
N VAL A 45 9.91 6.95 -11.90
CA VAL A 45 10.78 6.44 -12.91
C VAL A 45 10.02 6.34 -14.21
N LEU A 46 10.49 7.04 -15.23
CA LEU A 46 9.77 7.15 -16.51
C LEU A 46 10.48 6.23 -17.55
N LEU A 47 9.72 5.35 -18.22
CA LEU A 47 10.31 4.33 -19.13
C LEU A 47 9.80 4.55 -20.54
N HIS A 48 10.70 4.87 -21.44
CA HIS A 48 10.40 5.30 -22.79
C HIS A 48 9.99 4.09 -23.64
N GLY A 49 9.47 4.38 -24.81
CA GLY A 49 9.09 3.35 -25.74
C GLY A 49 10.14 3.02 -26.80
N TYR A 50 9.85 2.04 -27.62
CA TYR A 50 10.78 1.60 -28.67
C TYR A 50 11.16 2.73 -29.62
N GLY A 51 12.47 2.95 -29.74
CA GLY A 51 13.00 3.99 -30.57
C GLY A 51 13.08 5.38 -29.99
N SER A 52 12.65 5.53 -28.74
CA SER A 52 12.69 6.79 -27.98
C SER A 52 13.88 6.78 -27.06
N ASP A 53 13.89 7.65 -26.07
CA ASP A 53 15.01 7.72 -25.15
C ASP A 53 14.54 8.43 -23.87
N GLY A 54 15.43 8.49 -22.89
CA GLY A 54 15.06 9.14 -21.64
C GLY A 54 14.84 10.62 -21.76
N ARG A 55 15.54 11.30 -22.66
CA ARG A 55 15.36 12.74 -22.87
C ARG A 55 13.95 13.00 -23.29
N ASP A 56 13.34 12.11 -24.07
CA ASP A 56 11.97 12.32 -24.47
C ASP A 56 11.03 12.30 -23.24
N LEU A 57 11.23 11.33 -22.39
CA LEU A 57 10.29 11.06 -21.29
C LEU A 57 10.46 11.99 -20.14
N ILE A 58 11.68 12.54 -19.98
CA ILE A 58 11.93 13.43 -18.83
C ILE A 58 11.08 14.73 -18.99
N ALA A 59 10.55 15.02 -20.20
CA ALA A 59 9.56 16.11 -20.35
C ALA A 59 8.27 15.92 -19.54
N LEU A 60 7.86 14.70 -19.31
CA LEU A 60 6.75 14.46 -18.43
C LEU A 60 7.15 14.88 -17.00
N GLY A 61 8.38 14.58 -16.63
CA GLY A 61 8.92 14.95 -15.38
C GLY A 61 8.98 16.45 -15.20
N GLN A 62 9.42 17.16 -16.24
CA GLN A 62 9.46 18.61 -16.21
C GLN A 62 8.06 19.17 -15.99
N PHE A 63 7.06 18.52 -16.60
CA PHE A 63 5.63 18.94 -16.49
C PHE A 63 5.10 18.77 -15.07
N TRP A 64 5.36 17.60 -14.52
CA TRP A 64 4.87 17.26 -13.18
C TRP A 64 5.66 17.89 -12.01
N ARG A 65 6.94 18.21 -12.19
CA ARG A 65 7.78 18.56 -11.03
C ARG A 65 7.25 19.78 -10.26
N ASP A 66 6.63 20.71 -11.00
CA ASP A 66 5.94 21.86 -10.44
C ASP A 66 4.83 21.49 -9.49
N SER A 67 4.17 20.37 -9.74
CA SER A 67 3.09 19.96 -8.90
C SER A 67 3.49 19.07 -7.71
N PHE A 68 4.67 18.41 -7.77
CA PHE A 68 5.06 17.38 -6.84
C PHE A 68 6.46 17.70 -6.43
N PRO A 69 6.61 18.74 -5.57
CA PRO A 69 7.95 19.23 -5.26
C PRO A 69 8.86 18.39 -4.46
N ASP A 70 8.41 17.31 -3.86
CA ASP A 70 9.24 16.38 -3.14
C ASP A 70 9.58 15.14 -3.93
N THR A 71 9.19 15.16 -5.20
CA THR A 71 9.42 14.02 -6.08
C THR A 71 10.63 14.21 -7.01
N MET A 72 11.49 13.19 -7.04
CA MET A 72 12.59 13.10 -8.04
C MET A 72 12.11 12.29 -9.27
N PHE A 73 12.53 12.74 -10.46
CA PHE A 73 12.10 12.09 -11.72
C PHE A 73 13.35 11.63 -12.38
N VAL A 74 13.28 10.40 -12.88
CA VAL A 74 14.46 9.86 -13.62
C VAL A 74 13.93 9.07 -14.84
N ALA A 75 14.63 9.22 -15.96
CA ALA A 75 14.17 8.59 -17.23
C ALA A 75 15.36 7.85 -17.87
N PRO A 76 15.56 6.55 -17.49
CA PRO A 76 16.76 5.85 -18.02
C PRO A 76 16.63 5.63 -19.48
N ASN A 77 17.77 5.64 -20.19
CA ASN A 77 17.75 5.09 -21.56
C ASN A 77 17.77 3.55 -21.46
N ALA A 78 17.01 2.94 -22.35
CA ALA A 78 16.90 1.48 -22.39
C ALA A 78 18.28 0.92 -22.76
N PRO A 79 18.47 -0.36 -22.49
CA PRO A 79 19.87 -0.83 -22.52
C PRO A 79 20.52 -1.00 -23.91
N HIS A 80 19.73 -1.04 -24.98
CA HIS A 80 20.31 -1.34 -26.31
C HIS A 80 19.96 -0.27 -27.30
N VAL A 81 20.84 -0.02 -28.28
CA VAL A 81 20.46 0.80 -29.42
C VAL A 81 19.26 0.18 -30.13
N CYS A 82 18.28 1.00 -30.48
CA CYS A 82 17.10 0.57 -31.20
C CYS A 82 17.43 0.09 -32.66
N GLY A 83 17.09 -1.18 -32.95
CA GLY A 83 17.33 -1.69 -34.30
C GLY A 83 16.78 -0.86 -35.44
N GLY A 84 15.58 -0.29 -35.23
CA GLY A 84 14.89 0.54 -36.21
C GLY A 84 15.23 2.03 -36.22
N ASN A 85 15.85 2.53 -35.16
CA ASN A 85 16.18 3.95 -35.06
C ASN A 85 17.49 4.08 -34.29
N PRO A 86 18.61 4.22 -35.02
CA PRO A 86 19.91 4.20 -34.30
C PRO A 86 20.12 5.39 -33.41
N PHE A 87 19.22 6.38 -33.44
CA PHE A 87 19.34 7.50 -32.52
C PHE A 87 18.60 7.29 -31.23
N GLY A 88 17.86 6.18 -31.10
CA GLY A 88 17.12 5.84 -29.91
C GLY A 88 17.46 4.46 -29.38
N TYR A 89 16.65 3.99 -28.41
CA TYR A 89 16.96 2.81 -27.65
C TYR A 89 15.78 1.88 -27.64
N GLU A 90 16.07 0.63 -27.33
CA GLU A 90 15.03 -0.41 -27.17
C GLU A 90 15.25 -1.18 -25.87
N TRP A 91 14.17 -1.55 -25.19
CA TRP A 91 14.21 -2.48 -24.05
C TRP A 91 14.50 -3.88 -24.55
N PHE A 92 13.97 -4.17 -25.72
CA PHE A 92 14.20 -5.43 -26.37
C PHE A 92 13.90 -5.31 -27.84
N PRO A 93 14.47 -6.23 -28.64
CA PRO A 93 14.30 -6.07 -30.07
C PRO A 93 12.94 -6.49 -30.61
N LEU A 94 12.58 -5.92 -31.73
CA LEU A 94 11.34 -6.21 -32.44
C LEU A 94 11.59 -6.54 -33.91
N ASP A 95 10.75 -7.43 -34.45
CA ASP A 95 10.70 -7.72 -35.89
C ASP A 95 9.49 -7.05 -36.49
N LEU A 96 9.70 -6.35 -37.60
CA LEU A 96 8.63 -5.72 -38.40
C LEU A 96 7.88 -6.60 -39.40
N GLU A 97 6.74 -6.08 -39.84
CA GLU A 97 5.76 -6.75 -40.72
C GLU A 97 5.26 -8.07 -40.11
N ARG A 98 5.21 -8.09 -38.78
CA ARG A 98 4.75 -9.22 -38.00
C ARG A 98 3.92 -8.64 -36.90
N ASP A 99 2.90 -9.41 -36.51
CA ASP A 99 2.31 -9.40 -35.16
C ASP A 99 3.45 -9.62 -34.19
N ARG A 100 3.62 -8.73 -33.20
CA ARG A 100 4.84 -8.74 -32.40
C ARG A 100 4.74 -9.53 -31.09
N THR A 101 3.70 -10.35 -31.00
CA THR A 101 3.44 -11.12 -29.77
C THR A 101 4.69 -11.85 -29.32
N LEU A 102 5.42 -12.52 -30.22
CA LEU A 102 6.50 -13.45 -29.75
C LEU A 102 7.77 -12.70 -29.37
N ALA A 103 8.03 -11.60 -30.08
CA ALA A 103 9.17 -10.72 -29.73
C ALA A 103 8.99 -10.14 -28.33
N ARG A 104 7.74 -9.80 -27.97
CA ARG A 104 7.47 -9.30 -26.62
C ARG A 104 7.77 -10.34 -25.58
N LEU A 105 7.29 -11.56 -25.82
CA LEU A 105 7.44 -12.64 -24.83
C LEU A 105 8.86 -12.87 -24.51
N ALA A 106 9.67 -13.05 -25.56
CA ALA A 106 11.09 -13.28 -25.41
C ALA A 106 11.80 -12.11 -24.78
N GLY A 107 11.43 -10.95 -25.26
CA GLY A 107 12.19 -9.81 -24.86
C GLY A 107 11.97 -9.26 -23.46
N ALA A 108 10.73 -9.27 -23.02
CA ALA A 108 10.43 -8.79 -21.66
C ALA A 108 11.29 -9.55 -20.61
N GLU A 109 11.51 -10.87 -20.75
CA GLU A 109 12.35 -11.57 -19.77
C GLU A 109 13.82 -11.25 -19.85
N THR A 110 14.30 -10.83 -21.03
CA THR A 110 15.69 -10.40 -21.15
C THR A 110 15.93 -9.02 -20.56
N ALA A 111 14.95 -8.11 -20.72
CA ALA A 111 15.06 -6.74 -20.21
C ALA A 111 14.85 -6.63 -18.68
N HIS A 112 14.08 -7.57 -18.16
CA HIS A 112 13.60 -7.55 -16.76
C HIS A 112 14.76 -7.40 -15.72
N PRO A 113 15.84 -8.22 -15.83
CA PRO A 113 16.91 -8.09 -14.87
C PRO A 113 17.67 -6.80 -14.89
N VAL A 114 17.76 -6.18 -16.08
CA VAL A 114 18.41 -4.93 -16.22
C VAL A 114 17.57 -3.84 -15.53
N LEU A 115 16.26 -3.84 -15.78
CA LEU A 115 15.39 -2.76 -15.20
C LEU A 115 15.34 -2.94 -13.63
N ASP A 116 15.22 -4.17 -13.23
CA ASP A 116 15.20 -4.52 -11.78
C ASP A 116 16.46 -4.02 -11.07
N ALA A 117 17.63 -4.25 -11.68
CA ALA A 117 18.86 -3.73 -11.13
C ALA A 117 18.96 -2.27 -11.16
N PHE A 118 18.42 -1.58 -12.20
CA PHE A 118 18.39 -0.15 -12.17
C PHE A 118 17.62 0.37 -10.97
N LEU A 119 16.48 -0.25 -10.71
CA LEU A 119 15.62 0.23 -9.60
C LEU A 119 16.39 0.11 -8.24
N ALA A 120 17.12 -0.99 -8.10
CA ALA A 120 18.00 -1.22 -6.87
C ALA A 120 19.03 -0.12 -6.73
N ASP A 121 19.71 0.18 -7.83
CA ASP A 121 20.69 1.26 -7.84
C ASP A 121 20.09 2.60 -7.46
N LEU A 122 18.90 2.94 -7.99
CA LEU A 122 18.26 4.17 -7.63
C LEU A 122 17.89 4.28 -6.13
N TRP A 123 17.39 3.19 -5.59
CA TRP A 123 16.99 3.12 -4.18
C TRP A 123 18.26 3.29 -3.29
N ALA A 124 19.38 2.67 -3.70
CA ALA A 124 20.68 2.88 -3.04
C ALA A 124 21.13 4.33 -3.08
N GLN A 125 20.95 4.98 -4.21
CA GLN A 125 21.36 6.38 -4.32
C GLN A 125 20.47 7.38 -3.64
N THR A 126 19.20 7.05 -3.37
CA THR A 126 18.28 8.07 -2.87
C THR A 126 17.83 7.79 -1.44
N GLY A 127 18.09 6.59 -0.93
CA GLY A 127 17.56 6.12 0.38
C GLY A 127 16.06 5.82 0.39
N LEU A 128 15.47 5.78 -0.79
CA LEU A 128 14.04 5.45 -0.94
C LEU A 128 13.84 4.00 -1.28
N GLY A 129 12.60 3.54 -1.35
CA GLY A 129 12.33 2.22 -1.69
C GLY A 129 11.10 2.08 -2.59
N PRO A 130 10.70 0.86 -2.90
CA PRO A 130 9.53 0.56 -3.73
C PRO A 130 8.29 1.31 -3.27
N ALA A 131 8.02 1.36 -1.95
CA ALA A 131 6.84 2.09 -1.48
C ALA A 131 6.84 3.59 -1.76
N ASP A 132 7.98 4.18 -2.12
CA ASP A 132 8.07 5.62 -2.37
C ASP A 132 8.08 5.87 -3.89
N THR A 133 7.92 4.81 -4.69
CA THR A 133 8.28 4.81 -6.10
C THR A 133 7.05 4.54 -6.99
N ILE A 134 6.97 5.29 -8.08
CA ILE A 134 5.93 5.11 -9.14
C ILE A 134 6.64 4.83 -10.43
N LEU A 135 6.34 3.70 -11.07
CA LEU A 135 6.92 3.34 -12.40
C LEU A 135 5.87 3.79 -13.41
N VAL A 136 6.31 4.57 -14.38
CA VAL A 136 5.47 5.14 -15.42
C VAL A 136 6.12 4.78 -16.73
N GLY A 137 5.38 4.17 -17.65
CA GLY A 137 5.92 3.85 -18.91
C GLY A 137 5.01 4.15 -20.07
N PHE A 138 5.63 4.26 -21.24
CA PHE A 138 4.91 4.44 -22.51
C PHE A 138 5.28 3.29 -23.43
N SER A 139 4.23 2.65 -23.97
CA SER A 139 4.39 1.66 -25.04
C SER A 139 5.25 0.46 -24.54
N GLN A 140 6.36 0.21 -25.23
CA GLN A 140 7.31 -0.82 -24.75
C GLN A 140 7.71 -0.60 -23.28
N GLY A 141 7.89 0.68 -22.93
CA GLY A 141 8.17 0.99 -21.53
C GLY A 141 7.04 0.70 -20.58
N ALA A 142 5.79 0.81 -21.03
CA ALA A 142 4.66 0.45 -20.20
C ALA A 142 4.60 -1.07 -20.04
N MET A 143 4.92 -1.77 -21.08
CA MET A 143 5.02 -3.22 -21.00
C MET A 143 6.04 -3.60 -19.98
N MET A 144 7.21 -2.95 -19.95
CA MET A 144 8.23 -3.25 -18.94
C MET A 144 7.79 -2.85 -17.53
N ALA A 145 7.15 -1.67 -17.42
CA ALA A 145 6.66 -1.24 -16.14
C ALA A 145 5.75 -2.29 -15.49
N LEU A 146 4.83 -2.86 -16.24
CA LEU A 146 3.94 -3.86 -15.73
C LEU A 146 4.69 -5.18 -15.48
N TYR A 147 5.61 -5.55 -16.38
CA TYR A 147 6.30 -6.85 -16.23
C TYR A 147 7.24 -6.87 -15.07
N THR A 148 8.09 -5.88 -14.94
CA THR A 148 9.03 -5.76 -13.85
C THR A 148 8.33 -5.30 -12.57
N GLY A 149 7.45 -4.32 -12.73
CA GLY A 149 6.76 -3.81 -11.51
C GLY A 149 5.98 -4.83 -10.70
N LEU A 150 5.25 -5.70 -11.38
CA LEU A 150 4.43 -6.72 -10.74
C LEU A 150 5.26 -7.88 -10.18
N ARG A 151 6.54 -7.93 -10.51
CA ARG A 151 7.43 -9.00 -9.98
C ARG A 151 8.25 -8.56 -8.83
N LEU A 152 8.13 -7.31 -8.40
CA LEU A 152 8.88 -6.88 -7.27
C LEU A 152 8.27 -7.45 -5.94
N PRO A 153 9.15 -7.81 -4.99
CA PRO A 153 8.58 -8.54 -3.84
C PRO A 153 7.87 -7.65 -2.84
N GLU A 154 8.12 -6.33 -2.84
CA GLU A 154 7.26 -5.44 -2.11
C GLU A 154 6.69 -4.38 -3.03
N PRO A 155 5.46 -3.94 -2.73
CA PRO A 155 4.73 -3.15 -3.72
C PRO A 155 5.30 -1.74 -3.93
N LEU A 156 5.30 -1.34 -5.21
CA LEU A 156 5.46 0.03 -5.55
C LEU A 156 4.28 0.81 -5.03
N LYS A 157 4.47 2.14 -4.97
CA LYS A 157 3.38 3.07 -4.74
C LYS A 157 2.30 3.00 -5.84
N ALA A 158 2.72 2.86 -7.09
CA ALA A 158 1.77 2.71 -8.23
C ALA A 158 2.56 2.39 -9.50
N ILE A 159 1.84 1.86 -10.49
CA ILE A 159 2.28 1.75 -11.86
C ILE A 159 1.31 2.61 -12.71
N ILE A 160 1.88 3.38 -13.65
CA ILE A 160 1.06 4.06 -14.67
C ILE A 160 1.58 3.57 -16.00
N ALA A 161 0.70 2.92 -16.76
CA ALA A 161 1.05 2.34 -18.02
C ALA A 161 0.25 3.00 -19.15
N PHE A 162 0.97 3.80 -19.96
CA PHE A 162 0.37 4.45 -21.12
C PHE A 162 0.58 3.52 -22.33
N SER A 163 -0.53 3.10 -22.96
CA SER A 163 -0.49 2.46 -24.29
C SER A 163 0.34 1.18 -24.36
N GLY A 164 0.24 0.39 -23.32
CA GLY A 164 0.85 -0.95 -23.24
C GLY A 164 -0.11 -2.09 -23.19
N LEU A 165 0.39 -3.16 -22.57
CA LEU A 165 -0.36 -4.43 -22.34
C LEU A 165 0.49 -5.30 -21.40
N ILE A 166 -0.12 -6.45 -21.04
CA ILE A 166 0.50 -7.40 -20.20
C ILE A 166 1.15 -8.41 -21.11
N VAL A 167 2.46 -8.48 -21.04
CA VAL A 167 3.25 -9.50 -21.76
C VAL A 167 3.19 -10.79 -20.91
N ALA A 168 2.87 -11.92 -21.56
CA ALA A 168 2.80 -13.24 -20.84
C ALA A 168 1.81 -13.26 -19.65
N PRO A 169 0.57 -12.96 -19.91
CA PRO A 169 -0.42 -12.91 -18.84
C PRO A 169 -0.59 -14.26 -18.10
N GLU A 170 -0.43 -15.34 -18.84
CA GLU A 170 -0.46 -16.67 -18.28
C GLU A 170 0.66 -16.91 -17.24
N LYS A 171 1.83 -16.32 -17.43
CA LYS A 171 2.89 -16.43 -16.45
C LYS A 171 2.60 -15.54 -15.19
N LEU A 172 1.62 -14.62 -15.27
CA LEU A 172 1.54 -13.55 -14.28
C LEU A 172 0.97 -14.06 -12.99
N GLU A 173 -0.08 -14.88 -13.06
CA GLU A 173 -0.65 -15.55 -11.88
C GLU A 173 0.41 -16.24 -11.05
N ALA A 174 1.33 -16.92 -11.74
CA ALA A 174 2.39 -17.65 -11.07
C ALA A 174 3.48 -16.75 -10.53
N GLU A 175 3.83 -15.67 -11.22
CA GLU A 175 5.03 -14.91 -10.92
C GLU A 175 4.79 -13.55 -10.22
N ILE A 176 3.52 -13.19 -10.11
CA ILE A 176 3.18 -11.90 -9.52
C ILE A 176 3.64 -11.88 -8.03
N ALA A 177 4.41 -10.85 -7.63
CA ALA A 177 4.99 -10.80 -6.30
C ALA A 177 4.45 -9.68 -5.43
N SER A 178 3.77 -8.71 -6.03
CA SER A 178 3.17 -7.61 -5.27
C SER A 178 2.06 -6.99 -6.13
N LYS A 179 1.20 -6.20 -5.49
CA LYS A 179 -0.08 -5.76 -6.09
C LYS A 179 -0.22 -4.25 -5.84
N PRO A 180 0.72 -3.46 -6.39
CA PRO A 180 0.51 -2.01 -6.37
C PRO A 180 -0.76 -1.62 -7.20
N PRO A 181 -1.32 -0.47 -6.91
CA PRO A 181 -2.40 0.03 -7.76
C PRO A 181 -1.85 0.37 -9.16
N VAL A 182 -2.69 0.19 -10.18
CA VAL A 182 -2.24 0.37 -11.59
C VAL A 182 -3.24 1.22 -12.31
N LEU A 183 -2.78 2.25 -13.02
CA LEU A 183 -3.59 3.03 -13.91
C LEU A 183 -3.12 2.73 -15.33
N LEU A 184 -4.07 2.27 -16.15
CA LEU A 184 -3.86 1.97 -17.56
C LEU A 184 -4.53 3.04 -18.38
N ILE A 185 -3.80 3.65 -19.32
CA ILE A 185 -4.28 4.78 -20.11
C ILE A 185 -3.98 4.48 -21.57
N HIS A 186 -4.94 4.57 -22.46
CA HIS A 186 -4.75 4.09 -23.82
C HIS A 186 -5.64 4.84 -24.80
N GLY A 187 -5.12 5.15 -25.99
CA GLY A 187 -5.89 5.76 -27.05
C GLY A 187 -6.71 4.72 -27.81
N ASP A 188 -7.95 5.09 -28.10
CA ASP A 188 -8.80 4.07 -28.67
C ASP A 188 -8.50 3.82 -30.16
N LEU A 189 -7.93 4.82 -30.82
CA LEU A 189 -7.57 4.67 -32.25
C LEU A 189 -6.13 4.18 -32.43
N ASP A 190 -5.52 3.60 -31.39
CA ASP A 190 -4.12 3.16 -31.47
C ASP A 190 -3.97 2.00 -32.40
N ASP A 191 -3.27 2.22 -33.54
CA ASP A 191 -3.02 1.07 -34.44
C ASP A 191 -1.64 0.50 -34.31
N VAL A 192 -0.89 0.94 -33.30
CA VAL A 192 0.40 0.40 -33.03
C VAL A 192 0.34 -0.70 -31.95
N VAL A 193 -0.21 -0.33 -30.79
CA VAL A 193 -0.62 -1.23 -29.73
C VAL A 193 -2.10 -1.07 -29.60
N PRO A 194 -2.89 -1.99 -30.17
CA PRO A 194 -4.33 -1.84 -30.12
C PRO A 194 -4.93 -1.75 -28.70
N VAL A 195 -5.91 -0.87 -28.55
CA VAL A 195 -6.50 -0.54 -27.25
C VAL A 195 -6.96 -1.77 -26.45
N ILE A 196 -7.27 -2.88 -27.13
CA ILE A 196 -7.68 -4.10 -26.45
C ILE A 196 -6.58 -4.61 -25.50
N GLY A 197 -5.34 -4.20 -25.76
CA GLY A 197 -4.25 -4.44 -24.81
C GLY A 197 -4.54 -4.00 -23.39
N SER A 198 -4.98 -2.78 -23.22
CA SER A 198 -5.26 -2.24 -21.93
C SER A 198 -6.67 -2.71 -21.47
N GLU A 199 -7.59 -2.88 -22.43
CA GLU A 199 -8.95 -3.31 -22.02
C GLU A 199 -9.02 -4.73 -21.48
N THR A 200 -8.19 -5.63 -21.99
CA THR A 200 -8.04 -7.01 -21.50
C THR A 200 -7.22 -7.04 -20.21
N ALA A 201 -6.24 -6.13 -20.10
CA ALA A 201 -5.45 -6.05 -18.88
C ALA A 201 -6.28 -5.72 -17.67
N LEU A 202 -7.26 -4.82 -17.81
CA LEU A 202 -8.03 -4.32 -16.61
C LEU A 202 -8.62 -5.48 -15.78
N PRO A 203 -9.47 -6.32 -16.40
CA PRO A 203 -10.04 -7.47 -15.64
C PRO A 203 -9.04 -8.48 -15.14
N LYS A 204 -8.03 -8.78 -15.93
CA LYS A 204 -6.94 -9.60 -15.50
C LYS A 204 -6.24 -9.11 -14.23
N LEU A 205 -5.88 -7.81 -14.16
CA LEU A 205 -5.24 -7.35 -12.93
C LEU A 205 -6.25 -7.33 -11.76
N ILE A 206 -7.49 -7.01 -12.04
CA ILE A 206 -8.52 -6.96 -10.96
C ILE A 206 -8.68 -8.40 -10.44
N ASP A 207 -8.68 -9.37 -11.34
CA ASP A 207 -8.80 -10.80 -10.92
C ASP A 207 -7.65 -11.26 -10.07
N LEU A 208 -6.51 -10.60 -10.21
CA LEU A 208 -5.37 -10.88 -9.42
C LEU A 208 -5.24 -10.12 -8.09
N GLY A 209 -6.18 -9.32 -7.70
CA GLY A 209 -6.09 -8.59 -6.45
C GLY A 209 -5.60 -7.16 -6.53
N ILE A 210 -5.27 -6.71 -7.75
CA ILE A 210 -4.80 -5.33 -7.93
C ILE A 210 -5.98 -4.35 -8.09
N ASP A 211 -5.83 -3.16 -7.51
CA ASP A 211 -6.71 -2.06 -7.69
C ASP A 211 -6.25 -1.36 -8.99
N ALA A 212 -6.86 -1.82 -10.06
CA ALA A 212 -6.58 -1.31 -11.38
C ALA A 212 -7.71 -0.47 -11.93
N ARG A 213 -7.35 0.61 -12.67
CA ARG A 213 -8.28 1.49 -13.30
C ARG A 213 -7.86 1.71 -14.75
N LEU A 214 -8.83 2.01 -15.59
CA LEU A 214 -8.63 2.23 -17.03
C LEU A 214 -9.18 3.54 -17.48
N HIS A 215 -8.40 4.27 -18.26
CA HIS A 215 -8.84 5.52 -18.90
C HIS A 215 -8.55 5.45 -20.38
N ILE A 216 -9.59 5.63 -21.20
CA ILE A 216 -9.47 5.47 -22.68
C ILE A 216 -9.58 6.88 -23.22
N SER A 217 -8.59 7.27 -24.03
CA SER A 217 -8.50 8.55 -24.65
C SER A 217 -9.18 8.41 -26.04
N GLN A 218 -10.40 8.90 -26.08
CA GLN A 218 -11.24 8.84 -27.32
C GLN A 218 -10.65 9.64 -28.43
N GLY A 219 -10.52 9.00 -29.58
CA GLY A 219 -10.03 9.70 -30.74
C GLY A 219 -8.53 9.81 -30.92
N SER A 220 -7.77 9.26 -29.95
CA SER A 220 -6.30 9.38 -29.95
C SER A 220 -5.64 8.10 -30.31
N GLY A 221 -4.43 8.21 -30.90
CA GLY A 221 -3.72 7.05 -31.32
C GLY A 221 -2.60 6.66 -30.33
N HIS A 222 -1.43 6.34 -30.89
CA HIS A 222 -0.28 5.88 -30.07
C HIS A 222 0.49 7.07 -29.55
N THR A 223 -0.02 7.67 -28.48
CA THR A 223 0.46 8.90 -27.96
C THR A 223 -0.06 9.02 -26.52
N ILE A 224 0.37 10.05 -25.81
CA ILE A 224 -0.24 10.45 -24.55
C ILE A 224 -1.09 11.71 -24.86
N ALA A 225 -2.39 11.51 -24.87
CA ALA A 225 -3.35 12.61 -25.07
C ALA A 225 -3.38 13.53 -23.89
N GLN A 226 -3.85 14.76 -24.10
CA GLN A 226 -4.00 15.64 -22.99
C GLN A 226 -4.90 15.07 -21.93
N ASP A 227 -6.01 14.49 -22.31
CA ASP A 227 -6.91 13.89 -21.34
C ASP A 227 -6.25 12.68 -20.57
N GLY A 228 -5.30 11.99 -21.23
CA GLY A 228 -4.57 10.88 -20.61
C GLY A 228 -3.63 11.44 -19.60
N LEU A 229 -2.94 12.49 -19.99
CA LEU A 229 -2.02 13.13 -19.09
C LEU A 229 -2.76 13.72 -17.87
N ASP A 230 -3.92 14.34 -18.11
CA ASP A 230 -4.68 14.86 -16.97
C ASP A 230 -5.14 13.83 -15.95
N THR A 231 -5.53 12.68 -16.46
CA THR A 231 -5.97 11.55 -15.71
C THR A 231 -4.77 11.09 -14.84
N ALA A 232 -3.65 10.95 -15.48
CA ALA A 232 -2.44 10.53 -14.71
C ALA A 232 -2.05 11.55 -13.62
N THR A 233 -2.14 12.85 -13.93
CA THR A 233 -1.82 13.88 -12.95
C THR A 233 -2.78 13.72 -11.78
N ALA A 234 -4.04 13.50 -12.06
CA ALA A 234 -5.02 13.35 -10.98
C ALA A 234 -4.73 12.16 -10.09
N PHE A 235 -4.35 11.06 -10.69
CA PHE A 235 -3.96 9.88 -9.97
C PHE A 235 -2.72 10.18 -9.10
N LEU A 236 -1.70 10.79 -9.68
CA LEU A 236 -0.52 11.21 -8.87
C LEU A 236 -0.94 12.06 -7.67
N ARG A 237 -1.86 12.99 -7.86
CA ARG A 237 -2.38 13.78 -6.71
C ARG A 237 -3.02 12.96 -5.62
N GLU A 238 -3.59 11.81 -5.92
CA GLU A 238 -4.26 10.95 -4.97
C GLU A 238 -3.19 10.25 -4.14
N ILE A 239 -2.02 9.99 -4.71
CA ILE A 239 -1.04 9.12 -4.01
C ILE A 239 0.20 9.77 -3.52
N LEU A 240 0.50 10.97 -3.98
CA LEU A 240 1.62 11.72 -3.50
C LEU A 240 0.98 12.78 -2.60
N GLY B 14 0.60 11.72 29.92
CA GLY B 14 -0.19 12.90 30.32
C GLY B 14 -1.18 13.32 29.26
N LEU B 15 -2.43 13.55 29.66
CA LEU B 15 -3.56 13.99 28.80
C LEU B 15 -4.60 12.89 28.39
N VAL B 16 -5.62 13.21 27.60
CA VAL B 16 -6.98 12.66 27.76
C VAL B 16 -7.89 13.40 26.77
N PRO B 17 -8.28 12.80 25.63
CA PRO B 17 -9.58 13.32 25.10
C PRO B 17 -10.86 12.96 25.93
N ARG B 18 -12.00 13.58 25.60
CA ARG B 18 -13.24 13.40 26.38
C ARG B 18 -14.43 14.07 25.69
N THR B 23 -28.40 6.90 19.09
CA THR B 23 -27.17 7.38 18.52
C THR B 23 -27.13 8.87 18.12
N GLU B 24 -25.86 9.29 18.06
CA GLU B 24 -25.41 10.65 18.32
C GLU B 24 -23.96 10.64 17.86
N PRO B 25 -23.30 11.83 17.77
CA PRO B 25 -21.85 11.85 17.50
C PRO B 25 -21.05 11.38 18.74
N VAL B 26 -20.72 10.09 18.77
CA VAL B 26 -20.08 9.49 19.96
C VAL B 26 -18.61 9.96 19.92
N LYS B 27 -18.13 10.52 21.02
CA LYS B 27 -16.78 11.09 21.15
C LYS B 27 -16.01 10.21 22.14
N LEU B 28 -14.87 9.66 21.73
CA LEU B 28 -14.20 8.70 22.60
C LEU B 28 -13.25 9.40 23.59
N SER B 29 -13.15 8.88 24.79
CA SER B 29 -12.27 9.43 25.81
C SER B 29 -11.13 8.42 25.84
N GLY B 30 -9.98 8.83 26.37
CA GLY B 30 -8.94 7.93 26.80
C GLY B 30 -7.63 8.71 26.92
N PRO B 31 -6.60 8.05 27.40
CA PRO B 31 -5.28 8.69 27.57
C PRO B 31 -4.58 8.97 26.32
N MET B 32 -3.72 9.98 26.35
CA MET B 32 -2.90 10.35 25.25
C MET B 32 -1.50 10.67 25.85
N LEU B 33 -0.45 10.27 25.12
CA LEU B 33 0.97 10.65 25.42
C LEU B 33 1.41 11.58 24.28
N PRO B 34 1.73 12.84 24.59
CA PRO B 34 2.26 13.65 23.49
C PRO B 34 3.69 13.25 23.11
N ALA B 35 4.16 13.63 21.94
CA ALA B 35 5.47 13.28 21.44
C ALA B 35 6.52 13.87 22.40
N VAL B 36 7.47 13.05 22.78
CA VAL B 36 8.52 13.38 23.73
C VAL B 36 9.24 14.62 23.26
N SER B 37 9.50 14.69 21.95
CA SER B 37 10.22 15.79 21.34
C SER B 37 9.46 17.14 21.36
N GLY B 38 8.17 17.15 21.67
CA GLY B 38 7.37 18.34 21.53
C GLY B 38 6.65 18.59 20.21
N ALA B 39 6.96 17.85 19.16
CA ALA B 39 6.20 18.08 17.91
C ALA B 39 6.02 16.76 17.15
N ALA B 40 4.78 16.29 17.18
CA ALA B 40 4.46 14.95 16.67
C ALA B 40 4.53 14.93 15.16
N LYS B 41 5.27 13.98 14.66
CA LYS B 41 5.42 13.71 13.23
C LYS B 41 4.62 12.47 12.86
N SER B 42 4.32 11.64 13.88
CA SER B 42 3.53 10.43 13.64
C SER B 42 2.58 10.18 14.84
N LEU B 43 1.68 9.21 14.66
CA LEU B 43 0.60 8.95 15.59
C LEU B 43 0.38 7.42 15.61
N VAL B 44 0.39 6.88 16.83
CA VAL B 44 0.05 5.52 17.08
C VAL B 44 -1.27 5.51 17.89
N VAL B 45 -2.31 4.85 17.30
CA VAL B 45 -3.59 4.69 17.98
C VAL B 45 -3.61 3.23 18.47
N LEU B 46 -3.88 3.09 19.75
CA LEU B 46 -3.87 1.77 20.40
C LEU B 46 -5.25 1.38 20.80
N LEU B 47 -5.71 0.19 20.38
CA LEU B 47 -7.09 -0.27 20.57
C LEU B 47 -7.09 -1.47 21.51
N HIS B 48 -7.72 -1.28 22.66
CA HIS B 48 -7.81 -2.36 23.70
C HIS B 48 -8.75 -3.52 23.36
N GLY B 49 -8.60 -4.61 24.13
CA GLY B 49 -9.45 -5.77 23.96
C GLY B 49 -10.73 -5.71 24.77
N TYR B 50 -11.54 -6.76 24.61
CA TYR B 50 -12.79 -6.85 25.31
C TYR B 50 -12.59 -6.93 26.79
N GLY B 51 -13.19 -6.00 27.51
CA GLY B 51 -13.12 -5.89 28.94
C GLY B 51 -11.94 -5.12 29.51
N SER B 52 -11.17 -4.51 28.58
CA SER B 52 -10.00 -3.69 28.92
C SER B 52 -10.37 -2.24 28.76
N ASP B 53 -9.36 -1.39 28.64
CA ASP B 53 -9.58 0.04 28.53
C ASP B 53 -8.33 0.70 27.98
N GLY B 54 -8.45 1.98 27.65
CA GLY B 54 -7.31 2.67 27.14
C GLY B 54 -6.13 2.82 28.09
N ARG B 55 -6.39 2.98 29.40
CA ARG B 55 -5.41 3.03 30.38
C ARG B 55 -4.50 1.82 30.38
N ASP B 56 -5.07 0.68 30.06
CA ASP B 56 -4.25 -0.50 29.94
C ASP B 56 -3.27 -0.41 28.76
N LEU B 57 -3.78 0.00 27.64
CA LEU B 57 -3.02 -0.05 26.36
C LEU B 57 -2.08 1.09 26.24
N ILE B 58 -2.32 2.19 26.95
CA ILE B 58 -1.39 3.33 26.84
C ILE B 58 -0.03 2.92 27.42
N ALA B 59 0.02 1.88 28.25
CA ALA B 59 1.34 1.37 28.79
C ALA B 59 2.32 0.87 27.69
N LEU B 60 1.75 0.36 26.59
CA LEU B 60 2.52 0.04 25.41
C LEU B 60 3.10 1.35 24.79
N GLY B 61 2.31 2.42 24.85
CA GLY B 61 2.64 3.74 24.42
C GLY B 61 3.85 4.28 25.21
N GLN B 62 3.81 4.08 26.51
CA GLN B 62 4.91 4.52 27.38
C GLN B 62 6.19 3.79 27.04
N PHE B 63 6.08 2.50 26.72
CA PHE B 63 7.26 1.68 26.38
C PHE B 63 7.85 2.18 25.06
N TRP B 64 6.97 2.45 24.08
CA TRP B 64 7.43 2.75 22.77
C TRP B 64 7.88 4.21 22.68
N ARG B 65 7.37 5.08 23.52
CA ARG B 65 7.75 6.53 23.40
C ARG B 65 9.28 6.67 23.68
N ASP B 66 9.88 5.76 24.46
CA ASP B 66 11.36 5.77 24.62
C ASP B 66 12.14 5.57 23.31
N SER B 67 11.57 4.80 22.37
CA SER B 67 12.18 4.55 21.09
C SER B 67 11.77 5.47 19.98
N PHE B 68 10.66 6.16 20.12
CA PHE B 68 10.00 6.91 19.04
C PHE B 68 9.62 8.26 19.55
N PRO B 69 10.63 9.16 19.65
CA PRO B 69 10.38 10.38 20.35
C PRO B 69 9.54 11.40 19.65
N ASP B 70 9.26 11.20 18.36
CA ASP B 70 8.38 12.11 17.61
C ASP B 70 6.98 11.56 17.36
N THR B 71 6.64 10.51 18.10
CA THR B 71 5.31 9.86 17.98
C THR B 71 4.40 10.24 19.16
N MET B 72 3.18 10.65 18.81
CA MET B 72 2.09 10.80 19.77
C MET B 72 1.36 9.41 19.86
N PHE B 73 0.93 9.07 21.06
CA PHE B 73 0.19 7.81 21.32
C PHE B 73 -1.19 8.14 21.88
N VAL B 74 -2.23 7.44 21.41
CA VAL B 74 -3.57 7.69 21.88
C VAL B 74 -4.19 6.30 22.10
N ALA B 75 -4.91 6.13 23.21
CA ALA B 75 -5.60 4.82 23.48
C ALA B 75 -7.06 5.10 23.90
N PRO B 76 -7.98 5.12 22.93
CA PRO B 76 -9.38 5.40 23.28
C PRO B 76 -10.04 4.30 24.01
N ASN B 77 -10.89 4.69 24.95
CA ASN B 77 -11.82 3.71 25.50
C ASN B 77 -12.86 3.36 24.44
N ALA B 78 -13.21 2.07 24.29
CA ALA B 78 -14.24 1.66 23.40
C ALA B 78 -15.59 2.26 23.88
N PRO B 79 -16.57 2.31 22.98
CA PRO B 79 -17.70 3.12 23.22
C PRO B 79 -18.75 2.59 24.19
N HIS B 80 -18.65 1.34 24.58
CA HIS B 80 -19.67 0.74 25.44
C HIS B 80 -19.03 0.10 26.66
N VAL B 81 -19.73 0.11 27.79
CA VAL B 81 -19.30 -0.68 28.93
C VAL B 81 -19.33 -2.14 28.55
N CYS B 82 -18.32 -2.87 29.02
CA CYS B 82 -18.21 -4.28 28.71
C CYS B 82 -19.26 -5.10 29.44
N GLY B 83 -20.05 -5.85 28.69
CA GLY B 83 -21.13 -6.65 29.34
C GLY B 83 -20.69 -7.64 30.39
N GLY B 84 -19.44 -8.11 30.29
CA GLY B 84 -18.84 -9.08 31.17
C GLY B 84 -17.97 -8.49 32.26
N ASN B 85 -17.65 -7.20 32.17
CA ASN B 85 -16.74 -6.57 33.12
C ASN B 85 -17.14 -5.11 33.19
N PRO B 86 -17.97 -4.77 34.15
CA PRO B 86 -18.49 -3.39 34.19
C PRO B 86 -17.43 -2.31 34.46
N PHE B 87 -16.19 -2.71 34.79
CA PHE B 87 -15.09 -1.80 34.98
C PHE B 87 -14.28 -1.54 33.72
N GLY B 88 -14.61 -2.23 32.63
CA GLY B 88 -13.96 -2.04 31.34
C GLY B 88 -14.94 -1.73 30.23
N TYR B 89 -14.45 -1.83 29.03
CA TYR B 89 -15.18 -1.43 27.83
C TYR B 89 -15.17 -2.53 26.76
N GLU B 90 -16.10 -2.43 25.82
CA GLU B 90 -16.15 -3.33 24.67
C GLU B 90 -16.37 -2.56 23.41
N TRP B 91 -15.75 -2.98 22.30
CA TRP B 91 -16.03 -2.39 21.02
C TRP B 91 -17.43 -2.84 20.58
N PHE B 92 -17.78 -4.06 20.96
CA PHE B 92 -19.06 -4.68 20.62
C PHE B 92 -19.30 -5.82 21.56
N PRO B 93 -20.59 -6.22 21.75
CA PRO B 93 -20.91 -7.25 22.74
C PRO B 93 -20.61 -8.64 22.23
N LEU B 94 -20.33 -9.50 23.22
CA LEU B 94 -20.07 -10.88 22.97
C LEU B 94 -20.95 -11.73 23.86
N ASP B 95 -21.32 -12.90 23.33
CA ASP B 95 -21.94 -13.95 24.20
C ASP B 95 -20.92 -15.04 24.37
N LEU B 96 -20.21 -15.04 25.53
CA LEU B 96 -19.03 -15.85 25.67
C LEU B 96 -19.26 -17.39 25.68
N GLU B 97 -20.49 -17.81 25.98
CA GLU B 97 -20.87 -19.24 26.07
C GLU B 97 -21.13 -19.85 24.70
N ARG B 98 -21.20 -19.03 23.67
CA ARG B 98 -21.54 -19.44 22.32
C ARG B 98 -20.50 -19.10 21.32
N ASP B 99 -20.61 -19.75 20.16
CA ASP B 99 -19.75 -19.44 19.03
C ASP B 99 -19.88 -17.94 18.73
N ARG B 100 -18.72 -17.29 18.61
CA ARG B 100 -18.66 -15.83 18.52
C ARG B 100 -18.78 -15.25 17.11
N THR B 101 -18.92 -16.08 16.09
CA THR B 101 -18.95 -15.63 14.71
C THR B 101 -20.02 -14.59 14.50
N LEU B 102 -21.25 -14.86 14.93
CA LEU B 102 -22.34 -13.95 14.66
C LEU B 102 -22.14 -12.62 15.36
N ALA B 103 -21.76 -12.68 16.66
CA ALA B 103 -21.55 -11.50 17.48
C ALA B 103 -20.43 -10.60 16.87
N ARG B 104 -19.39 -11.22 16.37
CA ARG B 104 -18.30 -10.43 15.71
C ARG B 104 -18.75 -9.75 14.41
N LEU B 105 -19.51 -10.52 13.59
CA LEU B 105 -20.00 -9.98 12.36
C LEU B 105 -20.88 -8.76 12.55
N ALA B 106 -21.88 -8.86 13.43
CA ALA B 106 -22.78 -7.71 13.68
C ALA B 106 -22.04 -6.59 14.39
N GLY B 107 -21.25 -7.01 15.36
CA GLY B 107 -20.53 -6.10 16.19
C GLY B 107 -19.51 -5.25 15.48
N ALA B 108 -18.65 -5.85 14.66
CA ALA B 108 -17.69 -5.03 13.91
C ALA B 108 -18.39 -4.03 13.00
N GLU B 109 -19.48 -4.44 12.39
CA GLU B 109 -20.23 -3.52 11.53
C GLU B 109 -20.85 -2.35 12.28
N THR B 110 -21.33 -2.57 13.49
CA THR B 110 -21.83 -1.48 14.33
C THR B 110 -20.73 -0.59 14.91
N ALA B 111 -19.58 -1.18 15.25
CA ALA B 111 -18.48 -0.46 15.84
C ALA B 111 -17.67 0.36 14.81
N HIS B 112 -17.64 -0.17 13.57
CA HIS B 112 -16.86 0.46 12.52
C HIS B 112 -17.08 1.96 12.36
N PRO B 113 -18.34 2.39 12.19
CA PRO B 113 -18.50 3.84 12.06
C PRO B 113 -18.07 4.69 13.24
N VAL B 114 -18.14 4.13 14.46
CA VAL B 114 -17.70 4.79 15.61
C VAL B 114 -16.23 5.00 15.64
N LEU B 115 -15.49 3.92 15.32
CA LEU B 115 -14.03 4.01 15.25
C LEU B 115 -13.57 4.93 14.09
N ASP B 116 -14.24 4.82 12.94
CA ASP B 116 -13.95 5.65 11.80
C ASP B 116 -14.12 7.12 12.16
N ALA B 117 -15.20 7.44 12.88
CA ALA B 117 -15.40 8.85 13.29
C ALA B 117 -14.37 9.35 14.28
N PHE B 118 -13.95 8.47 15.19
CA PHE B 118 -12.90 8.81 16.14
C PHE B 118 -11.62 9.17 15.46
N LEU B 119 -11.25 8.35 14.45
CA LEU B 119 -10.05 8.59 13.73
C LEU B 119 -10.11 9.96 12.99
N ALA B 120 -11.24 10.18 12.32
CA ALA B 120 -11.48 11.45 11.65
C ALA B 120 -11.32 12.64 12.60
N ASP B 121 -11.98 12.53 13.75
CA ASP B 121 -11.91 13.60 14.81
C ASP B 121 -10.48 13.81 15.32
N LEU B 122 -9.78 12.72 15.60
CA LEU B 122 -8.35 12.80 15.97
C LEU B 122 -7.43 13.48 14.94
N TRP B 123 -7.59 13.12 13.68
CA TRP B 123 -6.84 13.71 12.59
C TRP B 123 -7.16 15.24 12.51
N ALA B 124 -8.41 15.60 12.61
CA ALA B 124 -8.79 17.03 12.61
C ALA B 124 -8.25 17.78 13.82
N GLN B 125 -8.20 17.11 14.95
CA GLN B 125 -7.69 17.73 16.18
C GLN B 125 -6.19 17.93 16.19
N THR B 126 -5.43 16.99 15.61
CA THR B 126 -3.96 16.99 15.71
C THR B 126 -3.32 17.54 14.46
N GLY B 127 -4.01 17.52 13.34
CA GLY B 127 -3.40 17.95 12.09
C GLY B 127 -2.48 16.88 11.50
N LEU B 128 -2.50 15.68 12.10
CA LEU B 128 -1.84 14.53 11.46
C LEU B 128 -2.89 13.81 10.62
N GLY B 129 -2.51 12.96 9.65
CA GLY B 129 -3.53 12.19 8.89
C GLY B 129 -3.23 10.70 8.86
N PRO B 130 -3.99 9.98 8.04
CA PRO B 130 -3.81 8.53 7.88
C PRO B 130 -2.40 8.10 7.53
N ALA B 131 -1.72 8.80 6.60
CA ALA B 131 -0.36 8.43 6.27
C ALA B 131 0.66 8.61 7.35
N ASP B 132 0.30 9.36 8.41
CA ASP B 132 1.13 9.49 9.56
C ASP B 132 0.76 8.54 10.71
N THR B 133 -0.16 7.59 10.47
CA THR B 133 -0.81 6.93 11.60
C THR B 133 -0.64 5.43 11.47
N ILE B 134 -0.33 4.80 12.61
CA ILE B 134 -0.31 3.33 12.72
C ILE B 134 -1.44 2.96 13.65
N LEU B 135 -2.32 2.07 13.20
CA LEU B 135 -3.33 1.56 14.08
C LEU B 135 -2.88 0.21 14.67
N VAL B 136 -2.87 0.12 15.98
CA VAL B 136 -2.38 -1.02 16.75
C VAL B 136 -3.53 -1.56 17.61
N GLY B 137 -3.80 -2.86 17.54
CA GLY B 137 -4.86 -3.40 18.40
C GLY B 137 -4.51 -4.71 19.04
N PHE B 138 -5.16 -5.00 20.16
CA PHE B 138 -5.06 -6.30 20.81
C PHE B 138 -6.42 -6.94 20.89
N SER B 139 -6.47 -8.22 20.46
CA SER B 139 -7.69 -9.05 20.60
C SER B 139 -8.87 -8.41 19.86
N GLN B 140 -9.95 -8.09 20.57
CA GLN B 140 -11.08 -7.41 19.90
C GLN B 140 -10.62 -6.09 19.23
N GLY B 141 -9.65 -5.40 19.86
CA GLY B 141 -9.10 -4.21 19.24
C GLY B 141 -8.34 -4.47 17.99
N ALA B 142 -7.65 -5.63 17.92
CA ALA B 142 -6.98 -6.04 16.71
C ALA B 142 -7.97 -6.32 15.60
N MET B 143 -9.09 -6.92 15.94
CA MET B 143 -10.14 -7.23 14.97
C MET B 143 -10.65 -5.90 14.41
N MET B 144 -10.83 -4.92 15.27
CA MET B 144 -11.27 -3.62 14.81
C MET B 144 -10.23 -2.88 14.02
N ALA B 145 -8.93 -3.02 14.39
CA ALA B 145 -7.87 -2.36 13.68
C ALA B 145 -7.84 -2.80 12.21
N LEU B 146 -8.01 -4.11 11.98
CA LEU B 146 -8.08 -4.64 10.68
C LEU B 146 -9.37 -4.23 9.94
N TYR B 147 -10.50 -4.31 10.61
CA TYR B 147 -11.83 -4.12 9.99
C TYR B 147 -11.98 -2.68 9.52
N THR B 148 -11.72 -1.74 10.42
CA THR B 148 -11.78 -0.29 10.10
C THR B 148 -10.59 0.13 9.27
N GLY B 149 -9.36 -0.33 9.64
CA GLY B 149 -8.16 0.15 8.99
C GLY B 149 -8.17 -0.10 7.48
N LEU B 150 -8.62 -1.27 7.09
CA LEU B 150 -8.59 -1.70 5.68
C LEU B 150 -9.73 -1.10 4.90
N ARG B 151 -10.65 -0.49 5.59
CA ARG B 151 -11.81 0.21 4.89
C ARG B 151 -11.57 1.72 4.78
N LEU B 152 -10.48 2.25 5.29
CA LEU B 152 -10.16 3.66 5.13
C LEU B 152 -9.80 3.97 3.67
N PRO B 153 -10.33 5.10 3.13
CA PRO B 153 -10.10 5.42 1.73
C PRO B 153 -8.65 5.88 1.46
N GLU B 154 -7.95 6.40 2.45
CA GLU B 154 -6.52 6.71 2.28
C GLU B 154 -5.74 5.83 3.26
N PRO B 155 -4.64 5.22 2.79
CA PRO B 155 -3.99 4.20 3.61
C PRO B 155 -3.29 4.77 4.83
N LEU B 156 -3.38 4.00 5.91
CA LEU B 156 -2.52 4.17 7.04
C LEU B 156 -1.07 3.89 6.70
N LYS B 157 -0.18 4.35 7.56
CA LYS B 157 1.21 4.01 7.47
C LYS B 157 1.33 2.51 7.74
N ALA B 158 0.49 1.97 8.63
CA ALA B 158 0.56 0.50 8.92
C ALA B 158 -0.54 0.07 9.87
N ILE B 159 -0.82 -1.26 9.93
CA ILE B 159 -1.63 -1.80 11.00
C ILE B 159 -0.77 -2.88 11.71
N ILE B 160 -0.87 -2.91 13.04
CA ILE B 160 -0.31 -3.95 13.87
C ILE B 160 -1.47 -4.62 14.64
N ALA B 161 -1.69 -5.90 14.36
CA ALA B 161 -2.77 -6.67 14.98
C ALA B 161 -2.21 -7.75 15.85
N PHE B 162 -2.32 -7.57 17.14
CA PHE B 162 -1.92 -8.58 18.12
C PHE B 162 -3.11 -9.47 18.50
N SER B 163 -3.00 -10.74 18.22
CA SER B 163 -3.98 -11.74 18.70
C SER B 163 -5.44 -11.53 18.27
N GLY B 164 -5.59 -11.20 16.99
CA GLY B 164 -6.81 -10.93 16.33
C GLY B 164 -7.09 -11.90 15.21
N LEU B 165 -7.95 -11.47 14.29
CA LEU B 165 -8.37 -12.25 13.12
C LEU B 165 -9.13 -11.26 12.22
N ILE B 166 -9.50 -11.74 11.02
CA ILE B 166 -10.32 -11.01 10.06
C ILE B 166 -11.76 -11.35 10.32
N VAL B 167 -12.55 -10.37 10.75
CA VAL B 167 -14.00 -10.55 10.87
C VAL B 167 -14.57 -10.32 9.43
N ALA B 168 -15.35 -11.27 8.96
CA ALA B 168 -16.06 -11.13 7.67
C ALA B 168 -15.11 -11.05 6.44
N PRO B 169 -14.27 -12.04 6.26
CA PRO B 169 -13.29 -12.08 5.17
C PRO B 169 -13.94 -12.00 3.75
N GLU B 170 -15.10 -12.59 3.56
CA GLU B 170 -15.85 -12.33 2.27
C GLU B 170 -16.32 -10.85 2.09
N LYS B 171 -16.78 -10.20 3.12
CA LYS B 171 -17.11 -8.79 3.04
C LYS B 171 -15.86 -7.96 2.72
N LEU B 172 -14.70 -8.38 3.27
CA LEU B 172 -13.46 -7.57 3.13
C LEU B 172 -13.01 -7.52 1.66
N GLU B 173 -13.07 -8.65 1.02
CA GLU B 173 -12.84 -8.73 -0.44
C GLU B 173 -13.55 -7.62 -1.26
N ALA B 174 -14.81 -7.33 -0.94
CA ALA B 174 -15.63 -6.36 -1.62
C ALA B 174 -15.46 -4.97 -1.08
N GLU B 175 -14.99 -4.83 0.16
CA GLU B 175 -15.01 -3.54 0.82
C GLU B 175 -13.65 -2.93 1.08
N ILE B 176 -12.60 -3.68 0.84
CA ILE B 176 -11.26 -3.17 1.12
C ILE B 176 -11.05 -1.89 0.33
N ALA B 177 -10.55 -0.86 1.00
CA ALA B 177 -10.43 0.48 0.39
C ALA B 177 -8.97 0.99 0.32
N SER B 178 -8.05 0.37 1.06
CA SER B 178 -6.66 0.77 0.99
C SER B 178 -5.84 -0.38 1.52
N LYS B 179 -4.53 -0.30 1.29
CA LYS B 179 -3.63 -1.48 1.48
C LYS B 179 -2.37 -1.09 2.18
N PRO B 180 -2.51 -0.72 3.46
CA PRO B 180 -1.32 -0.44 4.23
C PRO B 180 -0.57 -1.76 4.54
N PRO B 181 0.71 -1.68 4.89
CA PRO B 181 1.36 -2.88 5.40
C PRO B 181 0.74 -3.31 6.72
N VAL B 182 0.76 -4.65 6.95
CA VAL B 182 0.09 -5.21 8.10
C VAL B 182 1.05 -6.20 8.73
N LEU B 183 1.20 -6.10 10.04
CA LEU B 183 1.91 -7.09 10.82
C LEU B 183 0.96 -7.78 11.79
N LEU B 184 0.86 -9.11 11.68
CA LEU B 184 0.08 -9.93 12.59
C LEU B 184 1.01 -10.60 13.57
N ILE B 185 0.63 -10.58 14.85
CA ILE B 185 1.42 -11.19 15.89
C ILE B 185 0.49 -11.98 16.75
N HIS B 186 0.83 -13.27 17.04
CA HIS B 186 -0.15 -14.10 17.72
C HIS B 186 0.58 -15.21 18.49
N GLY B 187 0.12 -15.52 19.68
CA GLY B 187 0.67 -16.64 20.50
C GLY B 187 0.12 -17.98 20.13
N ASP B 188 1.01 -18.98 20.03
CA ASP B 188 0.45 -20.28 19.60
C ASP B 188 -0.25 -21.08 20.62
N LEU B 189 -0.13 -20.73 21.89
CA LEU B 189 -0.89 -21.37 22.95
C LEU B 189 -2.18 -20.62 23.31
N ASP B 190 -2.61 -19.69 22.45
CA ASP B 190 -3.80 -18.92 22.77
C ASP B 190 -5.05 -19.72 22.64
N ASP B 191 -5.81 -19.87 23.74
CA ASP B 191 -7.08 -20.59 23.68
C ASP B 191 -8.27 -19.67 23.72
N VAL B 192 -8.03 -18.36 23.70
CA VAL B 192 -9.09 -17.40 23.74
C VAL B 192 -9.47 -16.98 22.33
N VAL B 193 -8.47 -16.53 21.56
CA VAL B 193 -8.58 -16.36 20.12
C VAL B 193 -7.49 -17.25 19.58
N PRO B 194 -7.85 -18.46 19.09
CA PRO B 194 -6.80 -19.36 18.69
C PRO B 194 -6.03 -18.87 17.44
N VAL B 195 -4.76 -19.24 17.42
CA VAL B 195 -3.72 -18.80 16.50
C VAL B 195 -4.11 -18.94 15.02
N ILE B 196 -4.94 -19.92 14.73
CA ILE B 196 -5.56 -20.04 13.43
C ILE B 196 -6.13 -18.74 12.85
N GLY B 197 -6.62 -17.87 13.73
CA GLY B 197 -7.12 -16.56 13.32
C GLY B 197 -6.10 -15.82 12.51
N SER B 198 -4.89 -15.71 13.03
CA SER B 198 -3.85 -14.93 12.27
C SER B 198 -3.23 -15.77 11.17
N GLU B 199 -3.13 -17.10 11.36
CA GLU B 199 -2.59 -17.93 10.29
C GLU B 199 -3.43 -17.94 9.03
N THR B 200 -4.73 -17.92 9.15
CA THR B 200 -5.61 -17.86 7.96
C THR B 200 -5.69 -16.43 7.41
N ALA B 201 -5.51 -15.46 8.33
CA ALA B 201 -5.51 -14.04 7.92
C ALA B 201 -4.43 -13.72 6.92
N LEU B 202 -3.22 -14.25 7.16
CA LEU B 202 -2.03 -13.88 6.43
C LEU B 202 -2.23 -14.12 4.91
N PRO B 203 -2.55 -15.34 4.51
CA PRO B 203 -2.76 -15.49 3.06
C PRO B 203 -3.95 -14.72 2.42
N LYS B 204 -5.03 -14.49 3.14
CA LYS B 204 -6.11 -13.69 2.69
C LYS B 204 -5.64 -12.30 2.40
N LEU B 205 -4.90 -11.73 3.37
CA LEU B 205 -4.38 -10.35 3.19
C LEU B 205 -3.40 -10.27 2.02
N ILE B 206 -2.56 -11.30 1.86
CA ILE B 206 -1.64 -11.29 0.73
C ILE B 206 -2.42 -11.35 -0.60
N ASP B 207 -3.47 -12.15 -0.64
CA ASP B 207 -4.29 -12.29 -1.83
C ASP B 207 -5.00 -11.01 -2.22
N LEU B 208 -5.31 -10.19 -1.22
CA LEU B 208 -5.92 -8.91 -1.44
C LEU B 208 -4.90 -7.87 -1.85
N GLY B 209 -3.63 -8.20 -1.81
CA GLY B 209 -2.57 -7.26 -2.22
C GLY B 209 -1.90 -6.49 -1.12
N ILE B 210 -2.14 -6.88 0.13
CA ILE B 210 -1.45 -6.31 1.23
C ILE B 210 -0.11 -6.92 1.43
N ASP B 211 0.84 -6.06 1.75
CA ASP B 211 2.11 -6.49 2.22
C ASP B 211 2.00 -6.86 3.69
N ALA B 212 1.67 -8.14 3.91
CA ALA B 212 1.34 -8.62 5.25
C ALA B 212 2.40 -9.56 5.74
N ARG B 213 2.64 -9.57 7.05
CA ARG B 213 3.60 -10.47 7.67
C ARG B 213 2.97 -11.05 8.91
N LEU B 214 3.54 -12.17 9.35
CA LEU B 214 3.04 -12.86 10.55
C LEU B 214 4.19 -13.33 11.42
N HIS B 215 4.09 -13.08 12.72
CA HIS B 215 5.00 -13.51 13.69
C HIS B 215 4.25 -14.29 14.73
N ILE B 216 4.57 -15.60 14.89
CA ILE B 216 4.01 -16.39 15.98
C ILE B 216 4.92 -16.36 17.19
N SER B 217 4.33 -16.06 18.36
CA SER B 217 5.02 -16.04 19.64
C SER B 217 4.84 -17.44 20.18
N GLN B 218 5.89 -18.26 20.06
CA GLN B 218 5.85 -19.66 20.49
C GLN B 218 5.76 -19.73 22.02
N GLY B 219 4.84 -20.52 22.49
CA GLY B 219 4.73 -20.74 23.91
C GLY B 219 4.03 -19.70 24.72
N SER B 220 3.31 -18.84 24.02
CA SER B 220 2.61 -17.79 24.69
C SER B 220 1.08 -17.85 24.35
N GLY B 221 0.24 -17.38 25.31
CA GLY B 221 -1.20 -17.43 25.15
C GLY B 221 -1.70 -16.03 24.75
N HIS B 222 -2.83 -15.67 25.34
CA HIS B 222 -3.62 -14.48 24.94
C HIS B 222 -3.04 -13.28 25.66
N THR B 223 -1.94 -12.85 25.12
CA THR B 223 -1.18 -11.69 25.63
C THR B 223 -0.20 -11.19 24.56
N ILE B 224 0.58 -10.18 24.87
CA ILE B 224 1.70 -9.76 24.05
C ILE B 224 2.99 -10.25 24.73
N ALA B 225 3.62 -11.23 24.09
CA ALA B 225 4.86 -11.90 24.58
C ALA B 225 6.00 -10.91 24.32
N GLN B 226 7.08 -11.03 25.08
CA GLN B 226 8.26 -10.20 24.85
C GLN B 226 8.73 -10.28 23.40
N ASP B 227 8.76 -11.45 22.82
CA ASP B 227 9.17 -11.53 21.45
C ASP B 227 8.19 -10.86 20.47
N GLY B 228 6.90 -10.92 20.74
CA GLY B 228 5.89 -10.18 19.93
C GLY B 228 6.14 -8.67 20.03
N LEU B 229 6.39 -8.20 21.23
CA LEU B 229 6.70 -6.79 21.47
C LEU B 229 7.98 -6.34 20.73
N ASP B 230 9.04 -7.14 20.85
CA ASP B 230 10.23 -6.87 20.04
C ASP B 230 10.03 -6.89 18.53
N THR B 231 9.27 -7.84 18.01
CA THR B 231 8.92 -7.91 16.57
C THR B 231 8.20 -6.59 16.16
N ALA B 232 7.21 -6.17 16.95
CA ALA B 232 6.48 -4.93 16.71
C ALA B 232 7.35 -3.68 16.75
N THR B 233 8.25 -3.63 17.69
CA THR B 233 9.16 -2.48 17.85
C THR B 233 10.08 -2.37 16.63
N ALA B 234 10.61 -3.50 16.20
CA ALA B 234 11.41 -3.49 14.99
C ALA B 234 10.66 -3.08 13.76
N PHE B 235 9.39 -3.50 13.63
CA PHE B 235 8.57 -3.08 12.53
C PHE B 235 8.32 -1.57 12.58
N LEU B 236 8.00 -1.05 13.75
CA LEU B 236 7.84 0.43 13.95
C LEU B 236 9.14 1.21 13.53
N ARG B 237 10.28 0.64 13.87
CA ARG B 237 11.54 1.26 13.47
C ARG B 237 11.69 1.26 11.96
N GLU B 238 11.19 0.24 11.26
CA GLU B 238 11.28 0.19 9.80
C GLU B 238 10.46 1.29 9.19
N ILE B 239 9.25 1.54 9.74
CA ILE B 239 8.31 2.37 8.99
C ILE B 239 8.14 3.80 9.46
N LEU B 240 8.62 4.11 10.66
CA LEU B 240 8.51 5.40 11.31
C LEU B 240 9.75 6.20 10.96
#